data_3IPN
#
_entry.id   3IPN
#
_cell.length_a   26.4
_cell.length_b   25.3
_cell.length_c   61.9
_cell.angle_alpha   90.00
_cell.angle_beta   90.05
_cell.angle_gamma   90.00
#
_symmetry.space_group_name_H-M   'P 1 21 1'
#
loop_
_entity.id
_entity.type
_entity.pdbx_description
1 polymer 'Non-natural Collagen'
2 non-polymer 'CARBONATE ION'
3 water water
#
_entity_poly.entity_id   1
_entity_poly.type   'polypeptide(L)'
_entity_poly.pdbx_seq_one_letter_code
;(MP8)(FP9)G(MP8)(FP9)G(MP8)(FP9)G(MP8)(FP9)G(MP8)(FP9)G(MP8)(FP9)G(MP8)(FP9)G
;
_entity_poly.pdbx_strand_id   A,B,C,D,E,F
#
# COMPACT_ATOMS: atom_id res chain seq x y z
N GLY A 3 3.37 26.67 4.02
CA GLY A 3 4.66 26.01 4.00
C GLY A 3 4.73 24.89 2.96
N GLY A 6 5.55 18.22 3.70
CA GLY A 6 6.45 17.44 4.55
C GLY A 6 7.23 16.37 3.79
N GLY A 9 6.73 9.63 3.79
CA GLY A 9 6.48 8.69 4.88
C GLY A 9 7.54 7.60 4.94
N GLY A 12 6.97 0.84 4.04
CA GLY A 12 5.99 -0.08 4.55
C GLY A 12 6.59 -1.31 5.17
N GLY A 15 6.62 -7.71 3.03
CA GLY A 15 5.56 -8.44 2.32
C GLY A 15 5.29 -9.79 3.00
N GLY A 18 6.54 -16.22 1.26
CA GLY A 18 6.47 -16.98 0.02
C GLY A 18 5.64 -18.23 0.22
N GLY B 3 4.89 20.75 6.30
CA GLY B 3 3.91 19.81 6.78
C GLY B 3 4.49 18.57 7.41
N GLY B 6 4.57 12.20 5.25
CA GLY B 6 3.51 11.45 4.55
C GLY B 6 3.27 10.10 5.20
N GLY B 9 4.47 3.65 3.56
CA GLY B 9 4.38 2.86 2.33
C GLY B 9 3.59 1.57 2.51
N GLY B 12 5.61 -4.77 1.30
CA GLY B 12 6.44 -5.27 0.21
C GLY B 12 5.82 -6.45 -0.49
N GLY B 15 7.71 -12.98 -0.35
CA GLY B 15 8.96 -13.72 -0.38
C GLY B 15 8.93 -14.82 -1.44
N GLY B 18 9.77 -21.51 -0.79
CA GLY B 18 10.56 -22.22 0.20
C GLY B 18 11.40 -23.29 -0.48
N GLY C 3 2.41 23.46 5.85
CA GLY C 3 2.33 22.74 4.57
C GLY C 3 1.52 21.46 4.73
N GLY C 6 3.58 15.12 3.51
CA GLY C 6 4.41 14.62 2.43
C GLY C 6 3.76 13.46 1.73
N GLY C 9 5.59 6.89 1.88
CA GLY C 9 6.80 6.10 1.86
C GLY C 9 6.82 5.03 0.75
N GLY C 12 7.64 -1.68 1.47
CA GLY C 12 8.48 -2.50 2.34
C GLY C 12 9.31 -3.52 1.58
N GLY C 15 8.81 -10.31 1.59
CA GLY C 15 8.50 -11.21 2.69
C GLY C 15 9.58 -12.29 2.82
N GLY C 18 9.05 -18.98 1.81
CA GLY C 18 8.02 -19.93 2.21
C GLY C 18 8.60 -21.13 2.95
N GLY D 3 -2.04 -26.22 -4.80
CA GLY D 3 -1.60 -25.44 -5.96
C GLY D 3 -1.03 -24.08 -5.57
N GLY D 6 -3.48 -17.83 -5.28
CA GLY D 6 -4.37 -17.16 -6.22
C GLY D 6 -3.81 -15.79 -6.60
N GLY D 9 -5.23 -9.36 -5.16
CA GLY D 9 -6.46 -8.62 -5.02
C GLY D 9 -6.49 -7.34 -5.86
N GLY D 12 -7.38 -0.95 -3.69
CA GLY D 12 -8.25 -0.47 -2.65
C GLY D 12 -9.08 0.70 -3.13
N GLY D 15 -8.65 7.31 -1.46
CA GLY D 15 -8.45 8.10 -0.26
C GLY D 15 -9.52 9.16 -0.03
N GLY D 18 -8.76 15.86 0.51
CA GLY D 18 -7.73 16.69 1.11
C GLY D 18 -8.30 17.71 2.07
N GLY E 3 -5.37 -20.81 -5.86
CA GLY E 3 -6.20 -20.29 -4.82
C GLY E 3 -7.06 -19.15 -5.34
N GLY E 6 -6.63 -12.56 -3.71
CA GLY E 6 -6.38 -11.75 -2.55
C GLY E 6 -7.46 -10.69 -2.31
N GLY E 9 -6.74 -4.01 -1.73
CA GLY E 9 -5.72 -3.18 -1.10
C GLY E 9 -6.29 -2.15 -0.15
N GLY E 12 -6.53 4.63 -0.70
CA GLY E 12 -5.52 5.56 -1.19
C GLY E 12 -5.22 6.68 -0.20
N GLY E 15 -6.36 13.36 -0.60
CA GLY E 15 -6.15 14.29 -1.71
C GLY E 15 -5.36 15.53 -1.29
N GLY E 18 -7.56 21.93 -0.92
CA GLY E 18 -8.45 22.57 -1.87
C GLY E 18 -7.93 23.95 -2.20
N GLY F 3 -4.82 -23.86 -3.95
CA GLY F 3 -3.76 -23.09 -3.34
C GLY F 3 -4.31 -22.03 -2.40
N GLY F 6 -4.51 -15.27 -2.86
CA GLY F 6 -3.53 -14.34 -3.39
C GLY F 6 -3.19 -13.25 -2.42
N GLY F 9 -4.28 -6.53 -2.87
CA GLY F 9 -4.03 -5.61 -3.95
C GLY F 9 -3.28 -4.38 -3.54
N GLY F 12 -5.53 2.01 -3.10
CA GLY F 12 -6.45 2.73 -4.00
C GLY F 12 -5.88 4.09 -4.40
N GLY F 15 -7.34 10.54 -2.94
CA GLY F 15 -8.60 11.26 -2.79
C GLY F 15 -8.58 12.52 -3.63
N GLY F 18 -9.38 18.90 -1.47
CA GLY F 18 -10.27 19.38 -0.42
C GLY F 18 -11.11 20.54 -0.89
#